data_9F13
#
_entry.id   9F13
#
_cell.length_a   62.102
_cell.length_b   77.123
_cell.length_c   83.110
_cell.angle_alpha   90.000
_cell.angle_beta   100.201
_cell.angle_gamma   90.000
#
_symmetry.space_group_name_H-M   'I 1 2 1'
#
loop_
_entity.id
_entity.type
_entity.pdbx_description
1 polymer 'HLA class I histocompatibility antigen C alpha chain'
2 polymer Beta-2-microglobulin
3 polymer Nucleoprotein
4 water water
#
loop_
_entity_poly.entity_id
_entity_poly.type
_entity_poly.pdbx_seq_one_letter_code
_entity_poly.pdbx_strand_id
1 'polypeptide(L)'
;MRVMAPRTLILLLSGALALTETWACSHSMRYFYTAVSRPGRGEPRFIAVGYVDDTQFVRFDSDAASPRGEPRAPWVEQEG
PEYWDRETQKYKRQAQADRVSLRNLRGYYNQSEAGSHTLQRMYGCDLGPDGRLLRGYDQSAYDGKDYIALNEDLRSWTAA
DTAAQITQRKWEAAREAEQWRAYLEGTCVEWLRRYLENGKETLQRAEHPKTHVTHHPVSDHEATLRCWALGFYPAEITLT
WQRDGEDQTQDTELVETRPAGDGTFQKWAAVVVPSGEEQRYTCHVQHEGLPEPLTLRWEPSSQPTIPIVGIVAGLAVLAV
LAVLGAVMAVVMCRRKSSGGKGGSCSQAASSNSAQGSDESLIACKA
;
A
2 'polypeptide(L)'
;MIQRTPKIQVYSRHPAENGKSNFLNCYVSGFHPSDIEVDLLKNGERIEKVEHSDLSFSKDWSFYLLYYTEFTPTEKDEYA
CRVNHVTLSQPKIVKWDRDM
;
B
3 'polypeptide(L)' KAYNVTQAF C
#
# COMPACT_ATOMS: atom_id res chain seq x y z
N CYS A 25 17.44 8.57 6.31
CA CYS A 25 18.65 8.13 5.63
C CYS A 25 18.38 7.55 4.26
N SER A 26 17.77 6.37 4.24
CA SER A 26 17.44 5.72 2.97
C SER A 26 16.11 6.24 2.44
N HIS A 27 15.99 6.24 1.11
CA HIS A 27 14.79 6.73 0.45
C HIS A 27 14.54 5.93 -0.82
N SER A 28 13.31 5.94 -1.28
CA SER A 28 12.94 5.19 -2.47
C SER A 28 11.96 5.99 -3.30
N MET A 29 12.04 5.80 -4.62
CA MET A 29 10.94 6.14 -5.52
C MET A 29 10.44 4.83 -6.12
N ARG A 30 9.14 4.58 -6.03
CA ARG A 30 8.58 3.31 -6.44
C ARG A 30 7.29 3.53 -7.22
N TYR A 31 7.16 2.82 -8.33
CA TYR A 31 5.99 2.85 -9.16
C TYR A 31 5.29 1.50 -9.13
N PHE A 32 3.97 1.53 -9.18
CA PHE A 32 3.13 0.34 -9.11
C PHE A 32 2.13 0.41 -10.25
N TYR A 33 2.27 -0.50 -11.22
CA TYR A 33 1.36 -0.59 -12.36
C TYR A 33 0.47 -1.81 -12.20
N THR A 34 -0.84 -1.63 -12.43
CA THR A 34 -1.78 -2.74 -12.48
C THR A 34 -2.57 -2.68 -13.78
N ALA A 35 -2.52 -3.76 -14.57
CA ALA A 35 -3.33 -3.89 -15.77
C ALA A 35 -4.25 -5.10 -15.60
N VAL A 36 -5.56 -4.90 -15.83
CA VAL A 36 -6.55 -5.94 -15.57
C VAL A 36 -7.39 -6.11 -16.83
N SER A 37 -7.35 -7.31 -17.42
CA SER A 37 -8.22 -7.56 -18.57
C SER A 37 -9.63 -7.91 -18.09
N ARG A 38 -10.59 -7.70 -18.98
CA ARG A 38 -12.00 -7.92 -18.68
C ARG A 38 -12.72 -8.25 -19.97
N PRO A 39 -12.48 -9.44 -20.52
CA PRO A 39 -12.95 -9.75 -21.88
C PRO A 39 -14.46 -9.61 -21.99
N GLY A 40 -14.91 -9.08 -23.13
CA GLY A 40 -16.31 -8.80 -23.33
C GLY A 40 -16.83 -7.59 -22.60
N ARG A 41 -16.02 -6.93 -21.77
CA ARG A 41 -16.42 -5.75 -21.03
C ARG A 41 -15.48 -4.58 -21.29
N GLY A 42 -14.94 -4.51 -22.50
CA GLY A 42 -14.03 -3.43 -22.87
C GLY A 42 -12.59 -3.87 -22.86
N GLU A 43 -11.72 -2.90 -23.05
CA GLU A 43 -10.30 -3.18 -23.06
C GLU A 43 -9.75 -3.11 -21.64
N PRO A 44 -8.55 -3.69 -21.41
CA PRO A 44 -8.05 -3.78 -20.04
C PRO A 44 -7.87 -2.42 -19.38
N ARG A 45 -8.17 -2.37 -18.09
CA ARG A 45 -7.93 -1.17 -17.28
CA ARG A 45 -7.92 -1.16 -17.29
C ARG A 45 -6.46 -1.11 -16.88
N PHE A 46 -5.89 0.10 -16.93
CA PHE A 46 -4.52 0.33 -16.50
C PHE A 46 -4.50 1.41 -15.43
N ILE A 47 -3.88 1.11 -14.28
CA ILE A 47 -3.76 2.03 -13.16
CA ILE A 47 -3.74 2.10 -13.22
C ILE A 47 -2.29 2.12 -12.79
N ALA A 48 -1.76 3.33 -12.64
CA ALA A 48 -0.39 3.54 -12.18
C ALA A 48 -0.41 4.47 -10.98
N VAL A 49 0.38 4.13 -9.96
CA VAL A 49 0.59 5.03 -8.83
C VAL A 49 2.08 5.10 -8.54
N GLY A 50 2.54 6.28 -8.16
CA GLY A 50 3.95 6.48 -7.84
C GLY A 50 4.14 7.06 -6.46
N TYR A 51 5.18 6.59 -5.78
CA TYR A 51 5.46 6.98 -4.40
C TYR A 51 6.91 7.45 -4.26
N VAL A 52 7.12 8.39 -3.34
CA VAL A 52 8.43 8.57 -2.71
C VAL A 52 8.28 8.08 -1.28
N ASP A 53 9.07 7.07 -0.91
CA ASP A 53 8.94 6.42 0.40
C ASP A 53 7.47 6.01 0.57
N ASP A 54 6.79 6.43 1.64
CA ASP A 54 5.41 6.04 1.86
C ASP A 54 4.42 7.13 1.46
N THR A 55 4.82 8.08 0.62
CA THR A 55 3.97 9.19 0.21
C THR A 55 3.68 9.09 -1.28
N GLN A 56 2.40 8.99 -1.64
CA GLN A 56 2.03 8.96 -3.05
C GLN A 56 2.13 10.35 -3.65
N PHE A 57 2.66 10.43 -4.89
CA PHE A 57 2.71 11.72 -5.56
C PHE A 57 2.03 11.75 -6.92
N VAL A 58 1.63 10.60 -7.48
CA VAL A 58 1.04 10.60 -8.81
C VAL A 58 0.11 9.40 -8.95
N ARG A 59 -0.93 9.59 -9.76
CA ARG A 59 -1.82 8.51 -10.16
C ARG A 59 -2.19 8.70 -11.62
N PHE A 60 -2.52 7.58 -12.26
CA PHE A 60 -3.12 7.59 -13.59
C PHE A 60 -4.08 6.41 -13.65
N ASP A 61 -5.30 6.65 -14.14
CA ASP A 61 -6.32 5.61 -14.21
C ASP A 61 -6.96 5.69 -15.59
N SER A 62 -6.76 4.66 -16.42
CA SER A 62 -7.35 4.66 -17.75
C SER A 62 -8.87 4.66 -17.72
N ASP A 63 -9.48 4.25 -16.61
CA ASP A 63 -10.93 4.28 -16.47
C ASP A 63 -11.46 5.59 -15.91
N ALA A 64 -10.59 6.56 -15.60
CA ALA A 64 -11.05 7.83 -15.07
C ALA A 64 -11.87 8.58 -16.11
N ALA A 65 -12.72 9.50 -15.63
CA ALA A 65 -13.58 10.26 -16.53
C ALA A 65 -12.75 10.98 -17.61
N SER A 66 -11.61 11.53 -17.21
CA SER A 66 -10.67 12.13 -18.16
C SER A 66 -9.28 11.69 -17.75
N PRO A 67 -8.78 10.60 -18.33
CA PRO A 67 -7.51 10.03 -17.88
C PRO A 67 -6.34 11.00 -18.08
N ARG A 68 -5.61 11.21 -16.99
CA ARG A 68 -4.47 12.13 -17.00
CA ARG A 68 -4.46 12.10 -17.01
C ARG A 68 -3.58 11.78 -15.82
N GLY A 69 -2.28 12.03 -15.96
CA GLY A 69 -1.39 11.92 -14.83
C GLY A 69 -1.73 13.02 -13.83
N GLU A 70 -1.97 12.64 -12.59
CA GLU A 70 -2.48 13.63 -11.66
C GLU A 70 -1.60 13.74 -10.42
N PRO A 71 -1.31 14.97 -9.97
CA PRO A 71 -0.52 15.12 -8.75
C PRO A 71 -1.30 14.69 -7.52
N ARG A 72 -0.58 14.04 -6.59
CA ARG A 72 -1.17 13.57 -5.35
C ARG A 72 -0.40 14.04 -4.12
N ALA A 73 0.67 14.81 -4.32
CA ALA A 73 1.40 15.46 -3.25
C ALA A 73 1.69 16.90 -3.64
N PRO A 74 1.78 17.81 -2.67
CA PRO A 74 2.03 19.21 -3.03
C PRO A 74 3.38 19.47 -3.66
N TRP A 75 4.37 18.61 -3.44
CA TRP A 75 5.73 18.85 -3.91
C TRP A 75 5.97 18.38 -5.34
N VAL A 76 4.92 18.01 -6.08
CA VAL A 76 4.97 17.88 -7.52
C VAL A 76 3.99 18.81 -8.22
N GLU A 77 3.30 19.66 -7.47
CA GLU A 77 2.31 20.57 -8.05
C GLU A 77 2.94 21.80 -8.71
N GLN A 78 4.25 22.01 -8.55
CA GLN A 78 4.95 23.12 -9.18
C GLN A 78 5.85 22.66 -10.32
N GLU A 79 5.64 21.43 -10.81
CA GLU A 79 6.47 20.93 -11.90
C GLU A 79 6.12 21.56 -13.23
N GLY A 80 4.90 22.05 -13.40
CA GLY A 80 4.50 22.73 -14.60
C GLY A 80 3.71 21.86 -15.55
N PRO A 81 2.96 22.48 -16.46
CA PRO A 81 2.11 21.70 -17.37
C PRO A 81 2.89 20.83 -18.34
N GLU A 82 4.09 21.26 -18.73
CA GLU A 82 4.91 20.45 -19.62
C GLU A 82 5.26 19.11 -18.99
N TYR A 83 5.69 19.14 -17.73
CA TYR A 83 6.00 17.90 -17.00
C TYR A 83 4.77 17.00 -16.96
N TRP A 84 3.61 17.56 -16.64
CA TRP A 84 2.44 16.72 -16.44
C TRP A 84 1.89 16.18 -17.76
N ASP A 85 1.98 16.97 -18.83
CA ASP A 85 1.58 16.47 -20.14
C ASP A 85 2.47 15.31 -20.57
N ARG A 86 3.76 15.38 -20.24
CA ARG A 86 4.68 14.32 -20.63
CA ARG A 86 4.66 14.31 -20.65
C ARG A 86 4.41 13.04 -19.85
N GLU A 87 4.15 13.17 -18.54
CA GLU A 87 3.81 11.98 -17.76
C GLU A 87 2.50 11.37 -18.26
N THR A 88 1.53 12.20 -18.60
CA THR A 88 0.26 11.69 -19.12
C THR A 88 0.46 10.92 -20.42
N GLN A 89 1.27 11.46 -21.34
CA GLN A 89 1.52 10.77 -22.59
C GLN A 89 2.20 9.42 -22.36
N LYS A 90 3.13 9.37 -21.40
CA LYS A 90 3.78 8.10 -21.09
C LYS A 90 2.78 7.08 -20.57
N TYR A 91 1.86 7.51 -19.71
CA TYR A 91 0.90 6.57 -19.14
C TYR A 91 -0.06 6.05 -20.20
N LYS A 92 -0.52 6.91 -21.10
CA LYS A 92 -1.39 6.45 -22.17
C LYS A 92 -0.70 5.44 -23.05
N ARG A 93 0.56 5.70 -23.42
CA ARG A 93 1.32 4.73 -24.18
C ARG A 93 1.58 3.46 -23.37
N GLN A 94 1.77 3.61 -22.06
CA GLN A 94 2.05 2.44 -21.23
C GLN A 94 0.82 1.55 -21.10
N ALA A 95 -0.37 2.15 -21.04
CA ALA A 95 -1.59 1.38 -20.94
C ALA A 95 -1.77 0.50 -22.18
N GLN A 96 -1.58 1.08 -23.36
CA GLN A 96 -1.66 0.29 -24.58
C GLN A 96 -0.60 -0.81 -24.61
N ALA A 97 0.59 -0.52 -24.10
CA ALA A 97 1.66 -1.52 -24.06
C ALA A 97 1.31 -2.67 -23.11
N ASP A 98 0.75 -2.35 -21.94
CA ASP A 98 0.32 -3.40 -21.03
C ASP A 98 -0.82 -4.22 -21.62
N ARG A 99 -1.67 -3.61 -22.44
CA ARG A 99 -2.70 -4.38 -23.11
C ARG A 99 -2.11 -5.38 -24.10
N VAL A 100 -1.10 -4.94 -24.87
CA VAL A 100 -0.38 -5.87 -25.74
C VAL A 100 0.25 -6.98 -24.92
N SER A 101 0.88 -6.63 -23.80
CA SER A 101 1.48 -7.62 -22.92
C SER A 101 0.47 -8.65 -22.43
N LEU A 102 -0.73 -8.20 -22.05
CA LEU A 102 -1.74 -9.14 -21.58
C LEU A 102 -2.17 -10.09 -22.67
N ARG A 103 -2.21 -9.62 -23.92
CA ARG A 103 -2.53 -10.51 -25.03
C ARG A 103 -1.41 -11.52 -25.26
N ASN A 104 -0.16 -11.06 -25.19
CA ASN A 104 0.96 -11.98 -25.36
C ASN A 104 0.99 -13.03 -24.26
N LEU A 105 0.75 -12.62 -23.01
CA LEU A 105 0.77 -13.55 -21.89
C LEU A 105 -0.31 -14.60 -22.01
N ARG A 106 -1.52 -14.21 -22.44
CA ARG A 106 -2.58 -15.18 -22.64
C ARG A 106 -2.15 -16.24 -23.66
N GLY A 107 -1.45 -15.81 -24.71
CA GLY A 107 -0.96 -16.76 -25.70
C GLY A 107 0.07 -17.72 -25.13
N TYR A 108 1.00 -17.21 -24.32
CA TYR A 108 2.05 -18.06 -23.76
C TYR A 108 1.46 -19.21 -22.94
N TYR A 109 0.36 -18.94 -22.24
CA TYR A 109 -0.25 -19.92 -21.34
C TYR A 109 -1.42 -20.66 -21.97
N ASN A 110 -1.69 -20.44 -23.27
CA ASN A 110 -2.80 -21.09 -23.96
C ASN A 110 -4.12 -20.87 -23.22
N GLN A 111 -4.29 -19.68 -22.68
CA GLN A 111 -5.46 -19.38 -21.88
C GLN A 111 -6.61 -18.90 -22.77
N SER A 112 -7.83 -19.18 -22.33
CA SER A 112 -9.01 -18.86 -23.12
C SER A 112 -9.14 -17.36 -23.30
N GLU A 113 -10.00 -16.97 -24.25
CA GLU A 113 -10.23 -15.56 -24.53
C GLU A 113 -11.11 -14.88 -23.48
N ALA A 114 -11.87 -15.65 -22.70
CA ALA A 114 -12.93 -15.10 -21.87
C ALA A 114 -12.52 -14.83 -20.43
N GLY A 115 -11.37 -15.32 -19.98
CA GLY A 115 -10.97 -15.12 -18.61
C GLY A 115 -10.26 -13.79 -18.39
N SER A 116 -10.40 -13.27 -17.18
CA SER A 116 -9.76 -12.02 -16.80
CA SER A 116 -9.76 -12.02 -16.79
C SER A 116 -8.40 -12.31 -16.16
N HIS A 117 -7.42 -11.45 -16.46
CA HIS A 117 -6.07 -11.65 -15.99
C HIS A 117 -5.46 -10.33 -15.53
N THR A 118 -4.46 -10.44 -14.66
CA THR A 118 -3.88 -9.30 -13.97
C THR A 118 -2.39 -9.27 -14.24
N LEU A 119 -1.89 -8.10 -14.66
CA LEU A 119 -0.46 -7.88 -14.86
C LEU A 119 -0.03 -6.75 -13.93
N GLN A 120 0.91 -7.05 -13.05
CA GLN A 120 1.44 -6.08 -12.11
C GLN A 120 2.93 -5.88 -12.36
N ARG A 121 3.37 -4.63 -12.27
CA ARG A 121 4.79 -4.30 -12.34
C ARG A 121 5.12 -3.32 -11.22
N MET A 122 6.20 -3.60 -10.49
CA MET A 122 6.75 -2.65 -9.52
C MET A 122 8.18 -2.36 -9.93
N TYR A 123 8.53 -1.08 -10.00
CA TYR A 123 9.90 -0.71 -10.31
C TYR A 123 10.28 0.55 -9.56
N GLY A 124 11.57 0.84 -9.52
CA GLY A 124 12.04 2.05 -8.89
C GLY A 124 13.45 1.90 -8.37
N CYS A 125 13.87 2.93 -7.64
CA CYS A 125 15.26 3.05 -7.20
C CYS A 125 15.30 3.33 -5.70
N ASP A 126 16.18 2.61 -5.00
CA ASP A 126 16.39 2.79 -3.57
C ASP A 126 17.72 3.48 -3.37
N LEU A 127 17.69 4.64 -2.73
CA LEU A 127 18.92 5.25 -2.24
C LEU A 127 19.30 4.63 -0.92
N GLY A 128 20.58 4.31 -0.77
CA GLY A 128 21.08 3.74 0.45
C GLY A 128 21.28 4.78 1.54
N PRO A 129 21.84 4.35 2.67
CA PRO A 129 22.05 5.27 3.79
C PRO A 129 23.02 6.41 3.47
N ASP A 130 23.77 6.33 2.37
CA ASP A 130 24.62 7.42 1.91
C ASP A 130 23.95 8.31 0.86
N GLY A 131 22.70 8.02 0.50
CA GLY A 131 22.06 8.79 -0.55
C GLY A 131 22.51 8.48 -1.95
N ARG A 132 23.21 7.36 -2.16
CA ARG A 132 23.58 6.90 -3.48
C ARG A 132 22.73 5.70 -3.85
N LEU A 133 22.69 5.39 -5.14
CA LEU A 133 21.88 4.25 -5.60
C LEU A 133 22.36 2.96 -4.96
N LEU A 134 21.48 2.30 -4.23
CA LEU A 134 21.77 1.05 -3.56
C LEU A 134 21.08 -0.15 -4.18
N ARG A 135 19.83 0.00 -4.61
CA ARG A 135 19.15 -1.09 -5.28
C ARG A 135 18.15 -0.52 -6.26
N GLY A 136 18.06 -1.14 -7.43
CA GLY A 136 17.02 -0.85 -8.39
C GLY A 136 16.11 -2.07 -8.52
N TYR A 137 14.84 -1.82 -8.82
CA TYR A 137 13.84 -2.86 -8.97
C TYR A 137 13.18 -2.77 -10.33
N ASP A 138 12.80 -3.92 -10.87
CA ASP A 138 11.93 -3.98 -12.04
C ASP A 138 11.35 -5.40 -12.06
N GLN A 139 10.24 -5.62 -11.35
CA GLN A 139 9.72 -6.96 -11.22
C GLN A 139 8.24 -6.97 -11.56
N SER A 140 7.77 -8.12 -12.02
CA SER A 140 6.42 -8.23 -12.54
C SER A 140 5.78 -9.52 -12.07
N ALA A 141 4.46 -9.50 -11.97
CA ALA A 141 3.66 -10.65 -11.61
C ALA A 141 2.51 -10.78 -12.59
N TYR A 142 2.14 -12.03 -12.87
CA TYR A 142 0.99 -12.34 -13.70
C TYR A 142 0.02 -13.14 -12.86
N ASP A 143 -1.21 -12.65 -12.75
CA ASP A 143 -2.26 -13.27 -11.94
C ASP A 143 -1.78 -13.55 -10.52
N GLY A 144 -1.02 -12.60 -9.98
CA GLY A 144 -0.68 -12.61 -8.58
C GLY A 144 0.56 -13.39 -8.22
N LYS A 145 1.24 -14.00 -9.19
CA LYS A 145 2.42 -14.80 -8.96
C LYS A 145 3.61 -14.17 -9.68
N ASP A 146 4.78 -14.25 -9.06
CA ASP A 146 6.02 -13.82 -9.69
C ASP A 146 6.09 -14.32 -11.13
N TYR A 147 6.47 -13.43 -12.04
CA TYR A 147 6.66 -13.79 -13.44
C TYR A 147 8.09 -13.56 -13.88
N ILE A 148 8.59 -12.34 -13.84
CA ILE A 148 9.96 -12.03 -14.23
C ILE A 148 10.44 -10.85 -13.40
N ALA A 149 11.72 -10.87 -13.05
CA ALA A 149 12.28 -9.84 -12.19
C ALA A 149 13.71 -9.54 -12.61
N LEU A 150 14.04 -8.24 -12.64
CA LEU A 150 15.43 -7.83 -12.80
C LEU A 150 16.18 -8.07 -11.50
N ASN A 151 17.32 -8.75 -11.60
CA ASN A 151 18.09 -9.06 -10.41
C ASN A 151 18.82 -7.81 -9.91
N GLU A 152 19.31 -7.91 -8.66
CA GLU A 152 19.93 -6.79 -7.98
C GLU A 152 21.13 -6.26 -8.74
N ASP A 153 21.85 -7.13 -9.46
CA ASP A 153 22.97 -6.65 -10.25
C ASP A 153 22.54 -5.80 -11.43
N LEU A 154 21.23 -5.69 -11.69
CA LEU A 154 20.69 -4.91 -12.80
C LEU A 154 21.23 -5.36 -14.15
N ARG A 155 21.65 -6.62 -14.22
CA ARG A 155 22.21 -7.19 -15.45
C ARG A 155 21.64 -8.54 -15.81
N SER A 156 20.93 -9.21 -14.90
CA SER A 156 20.43 -10.56 -15.14
C SER A 156 18.97 -10.64 -14.69
N TRP A 157 18.30 -11.70 -15.12
CA TRP A 157 16.87 -11.87 -14.90
C TRP A 157 16.57 -13.16 -14.17
N THR A 158 15.50 -13.13 -13.38
CA THR A 158 14.93 -14.35 -12.80
C THR A 158 13.55 -14.52 -13.43
N ALA A 159 13.40 -15.57 -14.24
CA ALA A 159 12.14 -15.89 -14.90
C ALA A 159 11.51 -17.08 -14.20
N ALA A 160 10.19 -17.00 -13.97
CA ALA A 160 9.51 -17.99 -13.14
C ALA A 160 9.22 -19.29 -13.87
N ASP A 161 8.97 -19.25 -15.18
CA ASP A 161 8.58 -20.46 -15.91
C ASP A 161 8.95 -20.29 -17.39
N THR A 162 8.50 -21.22 -18.22
CA THR A 162 8.87 -21.19 -19.64
C THR A 162 8.24 -19.99 -20.35
N ALA A 163 7.02 -19.61 -19.97
CA ALA A 163 6.41 -18.41 -20.53
C ALA A 163 7.27 -17.19 -20.24
N ALA A 164 7.73 -17.04 -19.00
CA ALA A 164 8.57 -15.90 -18.66
C ALA A 164 9.91 -15.93 -19.37
N GLN A 165 10.39 -17.10 -19.79
CA GLN A 165 11.64 -17.15 -20.54
C GLN A 165 11.44 -16.67 -21.98
N ILE A 166 10.22 -16.79 -22.51
CA ILE A 166 9.90 -16.13 -23.78
C ILE A 166 10.05 -14.62 -23.64
N THR A 167 9.44 -14.07 -22.59
CA THR A 167 9.59 -12.64 -22.33
C THR A 167 11.06 -12.26 -22.15
N GLN A 168 11.80 -13.08 -21.40
CA GLN A 168 13.20 -12.77 -21.12
C GLN A 168 14.02 -12.73 -22.40
N ARG A 169 13.76 -13.66 -23.33
CA ARG A 169 14.49 -13.68 -24.59
C ARG A 169 14.20 -12.43 -25.41
N LYS A 170 12.95 -11.97 -25.41
CA LYS A 170 12.62 -10.73 -26.12
C LYS A 170 13.33 -9.55 -25.48
N TRP A 171 13.30 -9.47 -24.16
CA TRP A 171 13.93 -8.35 -23.47
C TRP A 171 15.44 -8.34 -23.65
N GLU A 172 16.06 -9.53 -23.63
CA GLU A 172 17.51 -9.59 -23.80
C GLU A 172 17.93 -9.06 -25.15
N ALA A 173 17.17 -9.38 -26.21
CA ALA A 173 17.47 -8.85 -27.53
C ALA A 173 17.33 -7.33 -27.57
N ALA A 174 16.47 -6.78 -26.71
CA ALA A 174 16.27 -5.34 -26.62
C ALA A 174 17.28 -4.65 -25.72
N ARG A 175 18.20 -5.40 -25.11
CA ARG A 175 19.11 -4.88 -24.09
C ARG A 175 18.32 -4.19 -22.98
N GLU A 176 17.29 -4.91 -22.52
CA GLU A 176 16.34 -4.35 -21.56
C GLU A 176 17.00 -4.00 -20.24
N ALA A 177 17.84 -4.90 -19.72
CA ALA A 177 18.52 -4.60 -18.46
C ALA A 177 19.39 -3.36 -18.58
N GLU A 178 20.03 -3.18 -19.74
CA GLU A 178 20.86 -1.99 -19.96
C GLU A 178 20.01 -0.72 -19.93
N GLN A 179 18.87 -0.73 -20.64
CA GLN A 179 17.98 0.42 -20.61
C GLN A 179 17.46 0.69 -19.21
N TRP A 180 17.16 -0.38 -18.46
CA TRP A 180 16.64 -0.18 -17.10
C TRP A 180 17.74 0.28 -16.17
N ARG A 181 18.95 -0.23 -16.34
CA ARG A 181 20.08 0.27 -15.57
C ARG A 181 20.27 1.76 -15.81
N ALA A 182 20.09 2.20 -17.06
CA ALA A 182 20.23 3.62 -17.40
C ALA A 182 19.20 4.47 -16.66
N TYR A 183 17.94 4.06 -16.74
CA TYR A 183 16.88 4.79 -16.03
C TYR A 183 17.09 4.74 -14.53
N LEU A 184 17.38 3.55 -13.99
CA LEU A 184 17.50 3.40 -12.54
C LEU A 184 18.68 4.18 -11.98
N GLU A 185 19.81 4.21 -12.69
CA GLU A 185 20.98 4.91 -12.22
C GLU A 185 20.96 6.40 -12.57
N GLY A 186 20.12 6.80 -13.51
CA GLY A 186 20.06 8.19 -13.93
C GLY A 186 18.76 8.87 -13.60
N THR A 187 17.78 8.78 -14.52
CA THR A 187 16.52 9.50 -14.36
C THR A 187 15.87 9.21 -13.00
N CYS A 188 15.87 7.96 -12.58
CA CYS A 188 15.16 7.61 -11.35
C CYS A 188 15.77 8.29 -10.14
N VAL A 189 17.09 8.19 -9.98
CA VAL A 189 17.71 8.81 -8.81
C VAL A 189 17.72 10.33 -8.94
N GLU A 190 17.85 10.84 -10.17
CA GLU A 190 17.86 12.29 -10.37
C GLU A 190 16.56 12.91 -9.90
N TRP A 191 15.43 12.34 -10.34
CA TRP A 191 14.14 12.92 -9.99
C TRP A 191 13.73 12.57 -8.57
N LEU A 192 14.14 11.41 -8.06
CA LEU A 192 13.95 11.13 -6.64
C LEU A 192 14.60 12.20 -5.77
N ARG A 193 15.86 12.55 -6.09
CA ARG A 193 16.54 13.59 -5.33
C ARG A 193 15.83 14.93 -5.46
N ARG A 194 15.31 15.24 -6.65
CA ARG A 194 14.56 16.49 -6.82
C ARG A 194 13.29 16.48 -5.97
N TYR A 195 12.54 15.38 -5.99
CA TYR A 195 11.33 15.30 -5.17
C TYR A 195 11.66 15.38 -3.69
N LEU A 196 12.73 14.70 -3.27
CA LEU A 196 13.11 14.74 -1.86
C LEU A 196 13.44 16.16 -1.42
N GLU A 197 14.10 16.92 -2.28
CA GLU A 197 14.41 18.31 -1.93
C GLU A 197 13.16 19.17 -1.89
N ASN A 198 12.33 19.08 -2.93
CA ASN A 198 11.14 19.94 -2.99
C ASN A 198 10.18 19.64 -1.85
N GLY A 199 10.11 18.40 -1.39
CA GLY A 199 9.22 18.07 -0.29
C GLY A 199 9.96 17.66 0.97
N LYS A 200 11.14 18.25 1.20
CA LYS A 200 11.97 17.78 2.32
C LYS A 200 11.29 18.00 3.67
N GLU A 201 10.41 18.99 3.76
CA GLU A 201 9.71 19.26 5.01
C GLU A 201 8.87 18.07 5.45
N THR A 202 8.29 17.34 4.50
CA THR A 202 7.42 16.22 4.82
C THR A 202 8.01 14.86 4.47
N LEU A 203 9.07 14.82 3.65
CA LEU A 203 9.67 13.56 3.23
C LEU A 203 10.96 13.23 3.97
N GLN A 204 11.65 14.23 4.52
CA GLN A 204 12.94 14.03 5.18
C GLN A 204 12.92 14.46 6.64
N ARG A 205 11.74 14.47 7.27
CA ARG A 205 11.60 14.83 8.69
C ARG A 205 10.65 13.79 9.31
N ALA A 206 11.21 12.68 9.76
CA ALA A 206 10.40 11.60 10.33
C ALA A 206 9.57 12.11 11.51
N GLU A 207 8.31 11.69 11.54
CA GLU A 207 7.37 12.10 12.59
C GLU A 207 7.22 10.96 13.59
N HIS A 208 7.59 11.21 14.85
CA HIS A 208 7.59 10.16 15.84
C HIS A 208 6.16 9.72 16.17
N PRO A 209 5.99 8.47 16.61
CA PRO A 209 4.67 8.02 17.02
C PRO A 209 4.19 8.73 18.29
N LYS A 210 2.89 8.91 18.35
CA LYS A 210 2.20 9.33 19.57
C LYS A 210 1.59 8.06 20.18
N THR A 211 1.95 7.78 21.43
CA THR A 211 1.65 6.47 22.00
C THR A 211 0.75 6.59 23.23
N HIS A 212 0.03 5.50 23.49
CA HIS A 212 -0.73 5.34 24.73
C HIS A 212 -1.08 3.85 24.86
N VAL A 213 -1.46 3.47 26.08
CA VAL A 213 -1.78 2.09 26.41
C VAL A 213 -3.19 2.06 27.00
N THR A 214 -4.02 1.16 26.49
CA THR A 214 -5.37 0.97 27.00
C THR A 214 -5.50 -0.40 27.66
N HIS A 215 -6.58 -0.53 28.43
CA HIS A 215 -6.81 -1.68 29.29
C HIS A 215 -8.26 -2.11 29.17
N HIS A 216 -8.49 -3.41 29.00
CA HIS A 216 -9.83 -3.98 28.90
C HIS A 216 -9.93 -5.26 29.70
N PRO A 217 -10.81 -5.34 30.69
CA PRO A 217 -11.06 -6.64 31.33
C PRO A 217 -11.60 -7.64 30.31
N VAL A 218 -10.98 -8.81 30.26
CA VAL A 218 -11.46 -9.92 29.43
C VAL A 218 -12.35 -10.86 30.23
N SER A 219 -11.97 -11.12 31.48
CA SER A 219 -12.66 -12.08 32.33
C SER A 219 -12.53 -11.61 33.77
N ASP A 220 -12.97 -12.43 34.71
CA ASP A 220 -12.82 -12.05 36.11
C ASP A 220 -11.39 -12.20 36.60
N HIS A 221 -10.43 -12.60 35.75
CA HIS A 221 -9.06 -12.71 36.20
C HIS A 221 -8.04 -12.41 35.11
N GLU A 222 -8.44 -11.92 33.93
CA GLU A 222 -7.52 -11.58 32.87
C GLU A 222 -7.94 -10.28 32.21
N ALA A 223 -6.98 -9.60 31.59
CA ALA A 223 -7.23 -8.32 30.95
C ALA A 223 -6.35 -8.18 29.72
N THR A 224 -6.79 -7.31 28.81
CA THR A 224 -6.02 -6.98 27.61
C THR A 224 -5.32 -5.65 27.80
N LEU A 225 -4.03 -5.61 27.49
CA LEU A 225 -3.29 -4.36 27.35
C LEU A 225 -3.04 -4.13 25.87
N ARG A 226 -3.39 -2.95 25.38
CA ARG A 226 -3.20 -2.60 23.97
C ARG A 226 -2.29 -1.38 23.88
N CYS A 227 -1.16 -1.55 23.19
CA CYS A 227 -0.18 -0.50 23.03
C CYS A 227 -0.36 0.16 21.67
N TRP A 228 -0.59 1.47 21.66
CA TRP A 228 -0.95 2.21 20.46
C TRP A 228 0.21 3.08 19.98
N ALA A 229 0.37 3.13 18.66
CA ALA A 229 1.24 4.10 18.01
C ALA A 229 0.44 4.80 16.92
N LEU A 230 0.36 6.12 16.98
CA LEU A 230 -0.43 6.90 16.03
C LEU A 230 0.40 8.04 15.47
N GLY A 231 -0.02 8.51 14.30
CA GLY A 231 0.53 9.72 13.73
C GLY A 231 1.97 9.66 13.28
N PHE A 232 2.50 8.48 12.99
CA PHE A 232 3.92 8.38 12.67
C PHE A 232 4.15 8.28 11.16
N TYR A 233 5.35 8.69 10.76
CA TYR A 233 5.80 8.63 9.39
C TYR A 233 7.31 8.52 9.44
N PRO A 234 7.93 7.61 8.63
CA PRO A 234 7.34 6.69 7.67
C PRO A 234 6.62 5.52 8.34
N ALA A 235 6.13 4.57 7.55
CA ALA A 235 5.26 3.52 8.07
C ALA A 235 6.01 2.48 8.90
N GLU A 236 7.30 2.28 8.63
CA GLU A 236 8.06 1.27 9.33
C GLU A 236 8.08 1.53 10.83
N ILE A 237 7.74 0.50 11.61
CA ILE A 237 7.69 0.60 13.06
C ILE A 237 7.71 -0.81 13.63
N THR A 238 8.17 -0.94 14.88
CA THR A 238 8.09 -2.20 15.61
CA THR A 238 8.05 -2.20 15.60
C THR A 238 7.50 -1.93 16.99
N LEU A 239 6.51 -2.73 17.38
CA LEU A 239 5.90 -2.69 18.71
C LEU A 239 6.03 -4.07 19.34
N THR A 240 6.54 -4.12 20.57
CA THR A 240 6.69 -5.39 21.27
CA THR A 240 6.72 -5.38 21.28
C THR A 240 6.26 -5.22 22.73
N TRP A 241 5.90 -6.34 23.35
CA TRP A 241 5.51 -6.36 24.75
C TRP A 241 6.53 -7.15 25.56
N GLN A 242 6.79 -6.68 26.79
CA GLN A 242 7.66 -7.37 27.72
C GLN A 242 6.97 -7.49 29.08
N ARG A 243 7.40 -8.48 29.84
CA ARG A 243 6.96 -8.69 31.22
C ARG A 243 8.19 -8.88 32.08
N ASP A 244 8.32 -8.03 33.11
CA ASP A 244 9.54 -7.97 33.93
C ASP A 244 10.78 -7.81 33.06
N GLY A 245 10.65 -7.12 31.93
CA GLY A 245 11.74 -6.97 30.98
C GLY A 245 12.00 -8.17 30.11
N GLU A 246 11.09 -9.14 30.09
CA GLU A 246 11.25 -10.36 29.29
C GLU A 246 10.19 -10.40 28.21
N ASP A 247 10.62 -10.77 26.99
CA ASP A 247 9.76 -10.68 25.83
C ASP A 247 8.52 -11.57 25.97
N GLN A 248 7.38 -11.05 25.53
CA GLN A 248 6.10 -11.75 25.55
C GLN A 248 5.59 -11.85 24.11
N THR A 249 5.59 -13.06 23.56
CA THR A 249 5.23 -13.24 22.17
C THR A 249 4.10 -14.23 21.93
N GLN A 250 3.92 -15.24 22.79
CA GLN A 250 3.00 -16.32 22.49
C GLN A 250 1.55 -15.84 22.43
N ASP A 251 1.18 -14.85 23.25
CA ASP A 251 -0.20 -14.39 23.35
C ASP A 251 -0.30 -12.90 23.08
N THR A 252 0.46 -12.43 22.09
CA THR A 252 0.47 -11.03 21.68
C THR A 252 -0.03 -10.94 20.24
N GLU A 253 -0.95 -10.01 19.99
CA GLU A 253 -1.51 -9.78 18.67
C GLU A 253 -1.05 -8.44 18.13
N LEU A 254 -0.66 -8.42 16.85
CA LEU A 254 -0.29 -7.21 16.12
C LEU A 254 -1.22 -7.02 14.94
N VAL A 255 -1.81 -5.83 14.79
CA VAL A 255 -2.52 -5.52 13.57
C VAL A 255 -1.54 -5.01 12.52
N GLU A 256 -1.92 -5.18 11.26
CA GLU A 256 -1.13 -4.62 10.17
C GLU A 256 -1.09 -3.11 10.28
N THR A 257 0.08 -2.53 9.98
CA THR A 257 0.20 -1.08 9.94
C THR A 257 -0.76 -0.51 8.91
N ARG A 258 -1.45 0.56 9.29
CA ARG A 258 -2.56 1.06 8.49
C ARG A 258 -2.46 2.56 8.28
N PRO A 259 -2.90 3.04 7.13
CA PRO A 259 -2.85 4.49 6.86
C PRO A 259 -3.94 5.25 7.60
N ALA A 260 -3.55 6.38 8.20
CA ALA A 260 -4.56 7.21 8.85
C ALA A 260 -5.36 8.05 7.86
N GLY A 261 -4.85 8.27 6.65
CA GLY A 261 -5.51 9.07 5.65
C GLY A 261 -4.98 10.47 5.51
N ASP A 262 -4.09 10.89 6.41
CA ASP A 262 -3.48 12.21 6.39
C ASP A 262 -1.99 12.16 6.10
N GLY A 263 -1.50 11.03 5.61
CA GLY A 263 -0.09 10.87 5.38
C GLY A 263 0.66 10.19 6.51
N THR A 264 0.02 9.93 7.64
CA THR A 264 0.65 9.21 8.74
C THR A 264 0.04 7.82 8.87
N PHE A 265 0.63 7.03 9.77
CA PHE A 265 0.26 5.63 9.94
C PHE A 265 -0.03 5.30 11.40
N GLN A 266 -0.69 4.16 11.59
CA GLN A 266 -1.14 3.69 12.90
C GLN A 266 -0.82 2.20 13.04
N LYS A 267 -0.59 1.78 14.28
CA LYS A 267 -0.44 0.36 14.57
C LYS A 267 -0.71 0.16 16.06
N TRP A 268 -1.12 -1.07 16.41
CA TRP A 268 -1.16 -1.44 17.81
C TRP A 268 -0.80 -2.91 18.01
N ALA A 269 -0.45 -3.22 19.26
CA ALA A 269 -0.06 -4.56 19.70
C ALA A 269 -0.75 -4.82 21.03
N ALA A 270 -1.45 -5.94 21.13
CA ALA A 270 -2.21 -6.27 22.32
C ALA A 270 -1.70 -7.57 22.93
N VAL A 271 -1.75 -7.65 24.26
CA VAL A 271 -1.33 -8.85 24.98
C VAL A 271 -2.36 -9.10 26.08
N VAL A 272 -2.69 -10.37 26.30
CA VAL A 272 -3.56 -10.74 27.39
C VAL A 272 -2.70 -11.08 28.59
N VAL A 273 -3.10 -10.59 29.76
CA VAL A 273 -2.27 -10.68 30.97
C VAL A 273 -3.14 -11.10 32.14
N PRO A 274 -2.55 -11.79 33.12
CA PRO A 274 -3.28 -12.04 34.37
C PRO A 274 -3.56 -10.73 35.10
N SER A 275 -4.81 -10.56 35.52
CA SER A 275 -5.19 -9.33 36.21
C SER A 275 -4.37 -9.16 37.48
N GLY A 276 -3.85 -7.94 37.68
CA GLY A 276 -2.98 -7.63 38.79
C GLY A 276 -1.53 -7.51 38.42
N GLU A 277 -1.14 -8.03 37.24
CA GLU A 277 0.24 -7.98 36.78
C GLU A 277 0.47 -6.94 35.70
N GLU A 278 -0.51 -6.07 35.44
CA GLU A 278 -0.41 -5.13 34.33
C GLU A 278 0.81 -4.24 34.45
N GLN A 279 1.04 -3.68 35.65
CA GLN A 279 2.18 -2.79 35.85
C GLN A 279 3.52 -3.46 35.55
N ARG A 280 3.55 -4.79 35.48
CA ARG A 280 4.78 -5.50 35.16
C ARG A 280 5.06 -5.56 33.66
N TYR A 281 4.11 -5.15 32.82
CA TYR A 281 4.26 -5.26 31.37
C TYR A 281 4.71 -3.93 30.78
N THR A 282 5.62 -4.00 29.82
CA THR A 282 6.13 -2.83 29.12
C THR A 282 6.01 -3.01 27.62
N CYS A 283 5.53 -1.98 26.94
CA CYS A 283 5.49 -1.94 25.48
C CYS A 283 6.71 -1.18 24.97
N HIS A 284 7.33 -1.74 23.94
CA HIS A 284 8.57 -1.19 23.39
C HIS A 284 8.37 -0.78 21.95
N VAL A 285 8.70 0.47 21.64
CA VAL A 285 8.40 1.09 20.35
C VAL A 285 9.71 1.54 19.71
N GLN A 286 9.95 1.10 18.47
CA GLN A 286 11.09 1.55 17.69
C GLN A 286 10.60 2.21 16.43
N HIS A 287 11.08 3.44 16.17
CA HIS A 287 10.67 4.18 14.99
C HIS A 287 11.76 5.19 14.66
N GLU A 288 11.93 5.48 13.36
CA GLU A 288 12.96 6.39 12.89
C GLU A 288 12.84 7.77 13.52
N GLY A 289 11.62 8.21 13.83
CA GLY A 289 11.38 9.53 14.40
C GLY A 289 11.64 9.65 15.88
N LEU A 290 11.99 8.56 16.55
CA LEU A 290 12.37 8.57 17.95
C LEU A 290 13.88 8.66 18.08
N PRO A 291 14.38 9.46 19.04
CA PRO A 291 15.84 9.49 19.24
C PRO A 291 16.40 8.17 19.72
N GLU A 292 15.69 7.49 20.62
CA GLU A 292 16.02 6.17 21.11
C GLU A 292 14.71 5.39 21.21
N PRO A 293 14.79 4.06 21.31
CA PRO A 293 13.57 3.27 21.49
C PRO A 293 12.81 3.70 22.74
N LEU A 294 11.50 3.48 22.70
CA LEU A 294 10.58 3.97 23.70
C LEU A 294 10.03 2.81 24.54
N THR A 295 9.95 3.01 25.85
CA THR A 295 9.41 2.02 26.77
C THR A 295 8.17 2.61 27.44
N LEU A 296 7.07 1.86 27.40
CA LEU A 296 5.78 2.32 27.89
C LEU A 296 5.16 1.31 28.83
N ARG A 297 4.36 1.81 29.77
CA ARG A 297 3.57 1.00 30.68
C ARG A 297 2.15 1.52 30.71
N TRP A 298 1.25 0.70 31.26
CA TRP A 298 -0.11 1.15 31.48
C TRP A 298 -0.18 2.03 32.73
N GLU A 299 -0.91 3.13 32.62
CA GLU A 299 -1.05 4.09 33.72
C GLU A 299 -2.48 4.06 34.24
N PRO A 300 -2.75 3.39 35.37
CA PRO A 300 -4.11 3.32 35.93
C PRO A 300 -4.46 4.57 36.76
N MET B 1 -3.60 -19.17 -11.02
CA MET B 1 -4.52 -18.13 -10.57
C MET B 1 -4.59 -18.05 -9.04
N ILE B 2 -4.39 -16.84 -8.52
CA ILE B 2 -4.40 -16.58 -7.09
C ILE B 2 -5.75 -16.02 -6.68
N GLN B 3 -6.23 -16.40 -5.51
CA GLN B 3 -7.44 -15.81 -4.91
C GLN B 3 -7.20 -15.64 -3.41
N ARG B 4 -7.10 -14.39 -2.97
CA ARG B 4 -6.86 -14.07 -1.57
CA ARG B 4 -6.87 -14.08 -1.56
C ARG B 4 -7.96 -13.15 -1.06
N THR B 5 -8.47 -13.44 0.13
CA THR B 5 -9.58 -12.68 0.68
C THR B 5 -9.06 -11.43 1.41
N PRO B 6 -9.79 -10.32 1.38
CA PRO B 6 -9.26 -9.09 1.98
C PRO B 6 -9.26 -9.14 3.50
N LYS B 7 -8.18 -8.62 4.08
CA LYS B 7 -8.19 -8.20 5.47
C LYS B 7 -8.90 -6.86 5.55
N ILE B 8 -9.63 -6.64 6.64
CA ILE B 8 -10.46 -5.45 6.80
C ILE B 8 -10.16 -4.82 8.14
N GLN B 9 -9.90 -3.51 8.14
CA GLN B 9 -9.78 -2.74 9.37
C GLN B 9 -10.66 -1.50 9.26
N VAL B 10 -11.45 -1.25 10.31
CA VAL B 10 -12.32 -0.08 10.40
C VAL B 10 -11.89 0.72 11.61
N TYR B 11 -11.65 2.02 11.42
CA TYR B 11 -11.01 2.83 12.44
C TYR B 11 -11.14 4.30 12.07
N SER B 12 -10.82 5.16 13.02
CA SER B 12 -10.88 6.60 12.81
C SER B 12 -9.47 7.16 12.65
N ARG B 13 -9.40 8.30 11.95
CA ARG B 13 -8.10 8.91 11.69
C ARG B 13 -7.44 9.40 12.98
N HIS B 14 -8.24 9.87 13.92
CA HIS B 14 -7.81 10.32 15.24
C HIS B 14 -8.67 9.61 16.28
N PRO B 15 -8.18 9.47 17.51
CA PRO B 15 -8.99 8.86 18.57
C PRO B 15 -10.33 9.56 18.66
N ALA B 16 -11.40 8.77 18.67
CA ALA B 16 -12.74 9.32 18.55
C ALA B 16 -13.16 10.02 19.85
N GLU B 17 -13.66 11.25 19.70
CA GLU B 17 -14.28 11.99 20.80
C GLU B 17 -15.61 12.53 20.31
N ASN B 18 -16.65 12.34 21.12
CA ASN B 18 -17.99 12.73 20.70
C ASN B 18 -18.04 14.22 20.40
N GLY B 19 -18.59 14.56 19.24
CA GLY B 19 -18.75 15.95 18.85
C GLY B 19 -17.55 16.59 18.21
N LYS B 20 -16.46 15.84 18.00
CA LYS B 20 -15.25 16.37 17.37
C LYS B 20 -15.11 15.74 15.99
N SER B 21 -15.02 16.57 14.96
CA SER B 21 -14.95 16.09 13.59
C SER B 21 -13.75 15.18 13.39
N ASN B 22 -13.91 14.20 12.51
CA ASN B 22 -12.95 13.11 12.35
C ASN B 22 -13.12 12.55 10.94
N PHE B 23 -12.38 11.48 10.66
CA PHE B 23 -12.56 10.70 9.45
C PHE B 23 -12.73 9.23 9.81
N LEU B 24 -13.68 8.57 9.15
CA LEU B 24 -13.90 7.15 9.33
C LEU B 24 -13.24 6.41 8.17
N ASN B 25 -12.40 5.44 8.49
CA ASN B 25 -11.57 4.71 7.53
C ASN B 25 -11.96 3.25 7.45
N CYS B 26 -11.95 2.70 6.24
CA CYS B 26 -11.97 1.25 6.04
C CYS B 26 -10.79 0.89 5.16
N TYR B 27 -9.86 0.14 5.72
CA TYR B 27 -8.66 -0.28 5.02
C TYR B 27 -8.81 -1.74 4.65
N VAL B 28 -8.80 -2.02 3.34
CA VAL B 28 -8.89 -3.39 2.84
C VAL B 28 -7.56 -3.72 2.18
N SER B 29 -7.00 -4.88 2.52
CA SER B 29 -5.66 -5.20 2.05
C SER B 29 -5.50 -6.70 1.90
N GLY B 30 -4.42 -7.08 1.24
CA GLY B 30 -4.08 -8.48 1.11
C GLY B 30 -4.95 -9.29 0.17
N PHE B 31 -5.67 -8.65 -0.76
CA PHE B 31 -6.60 -9.37 -1.60
C PHE B 31 -6.13 -9.45 -3.04
N HIS B 32 -6.69 -10.44 -3.76
CA HIS B 32 -6.41 -10.71 -5.16
C HIS B 32 -7.54 -11.59 -5.66
N PRO B 33 -8.16 -11.30 -6.80
CA PRO B 33 -7.88 -10.22 -7.75
C PRO B 33 -8.32 -8.86 -7.25
N SER B 34 -8.23 -7.85 -8.11
CA SER B 34 -8.33 -6.46 -7.65
C SER B 34 -9.75 -5.94 -7.50
N ASP B 35 -10.73 -6.54 -8.17
CA ASP B 35 -12.10 -6.04 -8.04
C ASP B 35 -12.60 -6.27 -6.62
N ILE B 36 -13.20 -5.23 -6.03
CA ILE B 36 -13.66 -5.30 -4.66
C ILE B 36 -14.69 -4.21 -4.46
N GLU B 37 -15.66 -4.48 -3.59
CA GLU B 37 -16.74 -3.54 -3.29
C GLU B 37 -16.63 -3.19 -1.81
N VAL B 38 -16.52 -1.91 -1.52
CA VAL B 38 -16.39 -1.44 -0.13
C VAL B 38 -17.37 -0.31 0.10
N ASP B 39 -18.12 -0.40 1.19
CA ASP B 39 -19.05 0.64 1.60
C ASP B 39 -18.86 0.92 3.08
N LEU B 40 -18.99 2.18 3.45
CA LEU B 40 -19.08 2.58 4.84
C LEU B 40 -20.55 2.74 5.20
N LEU B 41 -20.91 2.25 6.39
CA LEU B 41 -22.29 2.27 6.84
C LEU B 41 -22.42 3.16 8.06
N LYS B 42 -23.49 3.98 8.07
CA LYS B 42 -23.91 4.73 9.25
C LYS B 42 -25.26 4.17 9.68
N ASN B 43 -25.29 3.56 10.86
CA ASN B 43 -26.50 2.95 11.41
C ASN B 43 -27.12 1.98 10.41
N GLY B 44 -26.26 1.17 9.79
CA GLY B 44 -26.69 0.14 8.87
C GLY B 44 -26.91 0.60 7.44
N GLU B 45 -26.87 1.90 7.16
CA GLU B 45 -27.19 2.45 5.86
C GLU B 45 -25.94 2.95 5.15
N ARG B 46 -25.90 2.75 3.84
CA ARG B 46 -24.74 3.11 3.04
C ARG B 46 -24.52 4.62 3.05
N ILE B 47 -23.28 5.03 3.33
CA ILE B 47 -22.89 6.43 3.23
C ILE B 47 -22.55 6.74 1.78
N GLU B 48 -23.10 7.84 1.26
CA GLU B 48 -22.80 8.25 -0.10
C GLU B 48 -21.58 9.17 -0.13
N LYS B 49 -20.98 9.27 -1.32
CA LYS B 49 -19.83 10.15 -1.58
C LYS B 49 -18.60 9.75 -0.77
N VAL B 50 -18.50 8.46 -0.41
CA VAL B 50 -17.27 7.93 0.17
C VAL B 50 -16.18 7.96 -0.89
N GLU B 51 -14.99 8.41 -0.51
CA GLU B 51 -13.84 8.44 -1.39
C GLU B 51 -12.93 7.25 -1.10
N HIS B 52 -12.04 6.95 -2.05
CA HIS B 52 -11.09 5.90 -1.79
C HIS B 52 -9.76 6.22 -2.46
N SER B 53 -8.73 5.58 -1.94
CA SER B 53 -7.37 5.74 -2.46
C SER B 53 -7.24 5.08 -3.82
N ASP B 54 -6.12 5.38 -4.47
CA ASP B 54 -5.82 4.78 -5.77
C ASP B 54 -5.26 3.38 -5.59
N LEU B 55 -5.71 2.45 -6.43
CA LEU B 55 -5.33 1.05 -6.31
C LEU B 55 -3.82 0.88 -6.32
N SER B 56 -3.28 0.27 -5.26
CA SER B 56 -1.86 -0.01 -5.15
C SER B 56 -1.70 -1.43 -4.61
N PHE B 57 -0.46 -1.89 -4.48
CA PHE B 57 -0.25 -3.23 -3.96
C PHE B 57 1.06 -3.32 -3.19
N SER B 58 1.18 -4.39 -2.43
CA SER B 58 2.29 -4.61 -1.52
C SER B 58 3.38 -5.42 -2.21
N LYS B 59 4.45 -5.70 -1.47
CA LYS B 59 5.56 -6.47 -2.03
C LYS B 59 5.13 -7.86 -2.48
N ASP B 60 4.15 -8.47 -1.80
CA ASP B 60 3.69 -9.81 -2.15
C ASP B 60 2.62 -9.80 -3.24
N TRP B 61 2.41 -8.65 -3.88
CA TRP B 61 1.53 -8.39 -5.02
C TRP B 61 0.08 -8.21 -4.60
N SER B 62 -0.28 -8.41 -3.34
CA SER B 62 -1.67 -8.27 -2.95
C SER B 62 -2.06 -6.80 -2.86
N PHE B 63 -3.32 -6.52 -3.19
CA PHE B 63 -3.80 -5.16 -3.34
C PHE B 63 -4.24 -4.56 -2.01
N TYR B 64 -4.25 -3.23 -1.96
CA TYR B 64 -4.86 -2.55 -0.82
C TYR B 64 -5.50 -1.25 -1.26
N LEU B 65 -6.54 -0.87 -0.52
CA LEU B 65 -7.31 0.35 -0.76
C LEU B 65 -7.74 0.92 0.58
N LEU B 66 -7.81 2.25 0.65
CA LEU B 66 -8.38 2.95 1.80
C LEU B 66 -9.64 3.67 1.36
N TYR B 67 -10.74 3.38 2.05
CA TYR B 67 -12.01 4.11 1.87
C TYR B 67 -12.23 4.98 3.10
N TYR B 68 -12.71 6.20 2.86
CA TYR B 68 -12.80 7.15 3.97
C TYR B 68 -13.90 8.16 3.74
N THR B 69 -14.40 8.71 4.85
CA THR B 69 -15.40 9.77 4.81
C THR B 69 -15.30 10.58 6.09
N GLU B 70 -15.57 11.87 5.97
CA GLU B 70 -15.59 12.72 7.16
C GLU B 70 -16.82 12.41 8.00
N PHE B 71 -16.65 12.42 9.32
CA PHE B 71 -17.80 12.23 10.20
C PHE B 71 -17.52 12.85 11.55
N THR B 72 -18.58 13.14 12.28
CA THR B 72 -18.47 13.60 13.65
C THR B 72 -19.07 12.54 14.55
N PRO B 73 -18.26 11.74 15.24
CA PRO B 73 -18.83 10.67 16.06
C PRO B 73 -19.74 11.21 17.16
N THR B 74 -20.80 10.47 17.44
CA THR B 74 -21.71 10.75 18.54
C THR B 74 -21.74 9.54 19.47
N GLU B 75 -22.49 9.67 20.57
CA GLU B 75 -22.58 8.58 21.53
C GLU B 75 -23.21 7.34 20.91
N LYS B 76 -24.25 7.53 20.08
CA LYS B 76 -25.11 6.43 19.67
C LYS B 76 -25.04 6.08 18.19
N ASP B 77 -24.44 6.91 17.34
CA ASP B 77 -24.30 6.54 15.94
C ASP B 77 -23.33 5.38 15.80
N GLU B 78 -23.74 4.35 15.06
CA GLU B 78 -22.95 3.16 14.85
C GLU B 78 -22.41 3.15 13.43
N TYR B 79 -21.15 2.77 13.27
CA TYR B 79 -20.51 2.75 11.96
C TYR B 79 -19.93 1.37 11.69
N ALA B 80 -19.78 1.07 10.40
CA ALA B 80 -19.28 -0.23 9.97
C ALA B 80 -18.74 -0.12 8.56
N CYS B 81 -18.00 -1.15 8.16
CA CYS B 81 -17.53 -1.30 6.79
C CYS B 81 -18.04 -2.60 6.22
N ARG B 82 -18.54 -2.56 4.99
CA ARG B 82 -19.10 -3.72 4.31
C ARG B 82 -18.33 -3.98 3.04
N VAL B 83 -17.82 -5.21 2.89
CA VAL B 83 -16.89 -5.58 1.83
C VAL B 83 -17.42 -6.80 1.10
N ASN B 84 -17.39 -6.75 -0.23
CA ASN B 84 -17.61 -7.95 -1.02
C ASN B 84 -16.45 -8.15 -1.99
N HIS B 85 -16.21 -9.42 -2.30
CA HIS B 85 -15.05 -9.83 -3.08
C HIS B 85 -15.38 -11.22 -3.59
N VAL B 86 -14.68 -11.64 -4.64
CA VAL B 86 -14.99 -12.95 -5.24
C VAL B 86 -14.80 -14.06 -4.23
N THR B 87 -13.91 -13.87 -3.24
CA THR B 87 -13.68 -14.88 -2.21
C THR B 87 -14.78 -14.92 -1.16
N LEU B 88 -15.73 -13.99 -1.17
CA LEU B 88 -16.75 -13.90 -0.13
C LEU B 88 -18.09 -14.36 -0.67
N SER B 89 -18.74 -15.27 0.06
CA SER B 89 -20.05 -15.75 -0.36
CA SER B 89 -20.05 -15.76 -0.35
C SER B 89 -21.14 -14.71 -0.11
N GLN B 90 -20.98 -13.89 0.91
CA GLN B 90 -21.90 -12.82 1.25
C GLN B 90 -21.06 -11.63 1.70
N PRO B 91 -21.59 -10.42 1.61
CA PRO B 91 -20.82 -9.24 2.05
C PRO B 91 -20.43 -9.36 3.51
N LYS B 92 -19.18 -8.99 3.80
CA LYS B 92 -18.63 -9.07 5.15
C LYS B 92 -18.71 -7.69 5.79
N ILE B 93 -19.32 -7.62 6.97
CA ILE B 93 -19.46 -6.37 7.71
C ILE B 93 -18.54 -6.42 8.92
N VAL B 94 -17.74 -5.38 9.09
CA VAL B 94 -16.89 -5.22 10.26
C VAL B 94 -17.33 -3.93 10.96
N LYS B 95 -17.72 -4.04 12.22
CA LYS B 95 -18.21 -2.90 12.98
C LYS B 95 -17.05 -2.06 13.50
N TRP B 96 -17.28 -0.75 13.55
CA TRP B 96 -16.30 0.17 14.12
C TRP B 96 -16.30 0.06 15.65
N ASP B 97 -15.11 -0.19 16.20
CA ASP B 97 -14.88 -0.22 17.64
C ASP B 97 -13.83 0.85 17.95
N ARG B 98 -14.14 1.72 18.92
CA ARG B 98 -13.33 2.93 19.13
C ARG B 98 -11.90 2.62 19.57
N ASP B 99 -11.64 1.44 20.14
CA ASP B 99 -10.30 1.09 20.58
C ASP B 99 -9.74 -0.09 19.81
N MET B 100 -9.99 -0.12 18.50
CA MET B 100 -9.34 -1.10 17.64
C MET B 100 -8.96 -0.47 16.31
N LYS C 1 9.19 10.54 -11.73
CA LYS C 1 9.24 10.55 -13.19
C LYS C 1 9.26 9.11 -13.72
N ALA C 2 8.23 8.74 -14.47
CA ALA C 2 8.02 7.34 -14.81
C ALA C 2 8.98 6.89 -15.92
N TYR C 3 9.17 5.57 -15.99
CA TYR C 3 9.92 4.99 -17.09
C TYR C 3 9.23 5.32 -18.41
N ASN C 4 10.03 5.52 -19.46
CA ASN C 4 9.52 6.03 -20.73
C ASN C 4 9.01 4.88 -21.61
N VAL C 5 7.90 4.31 -21.18
CA VAL C 5 7.14 3.25 -21.85
C VAL C 5 7.98 1.98 -22.00
N THR C 6 7.54 0.92 -21.34
CA THR C 6 8.28 -0.33 -21.32
C THR C 6 8.04 -1.14 -22.59
N GLN C 7 8.89 -2.14 -22.79
CA GLN C 7 8.66 -3.15 -23.81
C GLN C 7 7.48 -4.03 -23.40
N ALA C 8 6.74 -4.51 -24.38
CA ALA C 8 5.70 -5.49 -24.10
C ALA C 8 6.33 -6.80 -23.62
N PHE C 9 5.54 -7.57 -22.88
CA PHE C 9 5.95 -8.88 -22.39
C PHE C 9 6.02 -9.91 -23.52
#